data_4N57
#
_entry.id   4N57
#
_cell.length_a   76.051
_cell.length_b   65.802
_cell.length_c   76.731
_cell.angle_alpha   90.00
_cell.angle_beta   92.43
_cell.angle_gamma   90.00
#
_symmetry.space_group_name_H-M   'P 1 21 1'
#
loop_
_entity.id
_entity.type
_entity.pdbx_description
1 polymer "APH(2'')-Id"
2 non-polymer 'MAGNESIUM ION'
3 non-polymer "ADENOSINE-5'-DIPHOSPHATE"
4 water water
#
_entity_poly.entity_id   1
_entity_poly.type   'polypeptide(L)'
_entity_poly.pdbx_seq_one_letter_code
;MGSSHHHHHHSSGLVPRGSHMRTYTFDQVEKAIEQLYPDFTINTIQISGKGNDCIAYEINRDFIFKFPKHSRGSTNLFNE
VNILKRIHNKLPLPIPEVVFTGMPSETYQMSFAGFTKIKGVPLTPLLLNNLPKQSQNQAAKDLARFLSELHSINISGFKS
NLVLDFREKINEDNKKIKKLLSRELKGPQMKKVDDFYRDILENEIYFKYYPCLIHNDFSSDHILFDTEKNTICGIIDFGD
AAISDPDNDFISLMEDDEEYGMEFVSKILNHYKHKDIPTVLEKYRMKEKYWSFEKIIYGKEYGYMDWYEEGLNEIRSIKI
K
;
_entity_poly.pdbx_strand_id   A,B
#
# COMPACT_ATOMS: atom_id res chain seq x y z
N ARG A 22 22.18 11.63 18.52
CA ARG A 22 22.85 12.23 19.67
C ARG A 22 24.15 11.51 19.97
N THR A 23 25.11 12.24 20.54
CA THR A 23 26.43 11.70 20.82
C THR A 23 26.93 12.09 22.22
N TYR A 24 27.73 11.22 22.82
CA TYR A 24 28.22 11.47 24.19
C TYR A 24 29.74 11.32 24.35
N THR A 25 30.32 12.15 25.23
CA THR A 25 31.67 11.92 25.75
C THR A 25 31.58 11.22 27.10
N PHE A 26 32.72 10.72 27.56
CA PHE A 26 32.78 10.12 28.88
C PHE A 26 32.41 11.14 29.96
N ASP A 27 32.85 12.38 29.76
CA ASP A 27 32.55 13.45 30.71
C ASP A 27 31.06 13.76 30.79
N GLN A 28 30.40 13.85 29.64
CA GLN A 28 28.97 14.13 29.64
C GLN A 28 28.23 13.03 30.40
N VAL A 29 28.65 11.79 30.18
CA VAL A 29 28.06 10.63 30.85
C VAL A 29 28.23 10.70 32.36
N GLU A 30 29.45 11.01 32.82
CA GLU A 30 29.69 11.15 34.25
C GLU A 30 28.90 12.33 34.83
N LYS A 31 28.74 13.39 34.05
CA LYS A 31 28.05 14.59 34.50
C LYS A 31 26.55 14.34 34.67
N ALA A 32 25.95 13.60 33.72
CA ALA A 32 24.53 13.24 33.83
C ALA A 32 24.28 12.43 35.09
N ILE A 33 25.11 11.41 35.27
CA ILE A 33 25.00 10.53 36.42
C ILE A 33 25.18 11.26 37.75
N GLU A 34 26.24 12.03 37.89
CA GLU A 34 26.51 12.78 39.12
C GLU A 34 25.36 13.71 39.48
N GLN A 35 24.79 14.33 38.46
CA GLN A 35 23.68 15.25 38.58
C GLN A 35 22.44 14.69 39.33
N LEU A 36 22.26 13.36 39.27
CA LEU A 36 21.11 12.72 39.92
C LEU A 36 21.56 11.72 40.98
N TYR A 37 22.85 11.41 41.00
CA TYR A 37 23.42 10.48 41.97
C TYR A 37 24.76 11.00 42.46
N PRO A 38 24.71 12.03 43.33
CA PRO A 38 25.85 12.83 43.76
C PRO A 38 26.89 12.01 44.51
N ASP A 39 26.45 10.96 45.19
CA ASP A 39 27.31 10.21 46.09
C ASP A 39 27.92 8.99 45.41
N PHE A 40 27.35 8.63 44.27
CA PHE A 40 27.88 7.54 43.49
C PHE A 40 29.19 7.96 42.84
N THR A 41 30.30 7.50 43.39
CA THR A 41 31.60 7.86 42.85
C THR A 41 32.04 6.84 41.80
N ILE A 42 32.20 7.34 40.57
CA ILE A 42 32.63 6.56 39.41
C ILE A 42 34.14 6.38 39.33
N ASN A 43 34.60 5.15 39.54
CA ASN A 43 36.03 4.84 39.57
C ASN A 43 36.64 4.57 38.20
N THR A 44 35.93 3.72 37.45
CA THR A 44 36.30 3.38 36.09
C THR A 44 35.09 3.51 35.20
N ILE A 45 35.32 3.94 33.97
CA ILE A 45 34.29 3.90 32.95
C ILE A 45 34.87 3.51 31.58
N GLN A 46 34.16 2.64 30.87
CA GLN A 46 34.47 2.31 29.49
C GLN A 46 33.18 1.99 28.77
N ILE A 47 33.27 1.94 27.44
CA ILE A 47 32.14 1.58 26.60
C ILE A 47 32.03 0.06 26.48
N SER A 48 30.84 -0.46 26.79
CA SER A 48 30.59 -1.89 26.78
C SER A 48 30.01 -2.36 25.45
N GLY A 49 29.24 -1.49 24.81
CA GLY A 49 28.70 -1.81 23.50
C GLY A 49 27.85 -0.69 22.95
N LYS A 50 27.58 -0.79 21.65
CA LYS A 50 26.58 0.02 20.98
C LYS A 50 25.45 -0.87 20.48
N GLY A 51 24.28 -0.28 20.41
CA GLY A 51 23.16 -0.96 19.82
C GLY A 51 22.46 -0.02 18.88
N ASN A 52 21.40 -0.54 18.28
CA ASN A 52 20.47 0.24 17.49
C ASN A 52 19.88 1.46 18.22
N ASP A 53 19.77 1.39 19.55
CA ASP A 53 19.17 2.51 20.33
C ASP A 53 20.12 3.27 21.24
N CYS A 54 21.02 2.55 21.90
CA CYS A 54 21.84 3.16 22.95
C CYS A 54 23.32 2.84 22.81
N ILE A 55 24.12 3.66 23.47
CA ILE A 55 25.49 3.32 23.79
C ILE A 55 25.49 2.80 25.24
N ALA A 56 26.19 1.69 25.46
CA ALA A 56 26.23 1.07 26.78
C ALA A 56 27.59 1.26 27.44
N TYR A 57 27.55 1.66 28.70
CA TYR A 57 28.76 2.00 29.44
C TYR A 57 28.95 1.10 30.65
N GLU A 58 30.10 0.45 30.74
CA GLU A 58 30.44 -0.35 31.91
C GLU A 58 31.10 0.55 32.95
N ILE A 59 30.40 0.74 34.07
CA ILE A 59 30.84 1.65 35.13
C ILE A 59 31.10 0.90 36.43
N ASN A 60 32.28 1.13 37.02
CA ASN A 60 32.77 0.42 38.21
C ASN A 60 32.71 -1.10 38.09
N ARG A 61 32.95 -1.61 36.89
CA ARG A 61 32.96 -3.06 36.57
C ARG A 61 31.56 -3.72 36.62
N ASP A 62 30.70 -3.30 37.55
CA ASP A 62 29.48 -4.05 37.89
C ASP A 62 28.17 -3.52 37.32
N PHE A 63 28.20 -2.32 36.75
CA PHE A 63 26.97 -1.71 36.24
C PHE A 63 27.08 -1.36 34.75
N ILE A 64 25.96 -1.50 34.06
CA ILE A 64 25.85 -1.08 32.67
C ILE A 64 24.89 0.09 32.53
N PHE A 65 25.40 1.24 32.13
CA PHE A 65 24.52 2.38 31.86
C PHE A 65 24.23 2.53 30.37
N LYS A 66 22.97 2.77 30.04
CA LYS A 66 22.56 2.99 28.66
C LYS A 66 22.17 4.43 28.43
N PHE A 67 22.85 5.08 27.48
CA PHE A 67 22.43 6.40 27.04
C PHE A 67 21.81 6.34 25.64
N PRO A 68 20.66 6.98 25.45
CA PRO A 68 19.92 6.93 24.17
C PRO A 68 20.50 7.85 23.09
N LYS A 69 20.50 7.39 21.84
CA LYS A 69 21.07 8.14 20.72
C LYS A 69 20.03 9.00 19.99
N HIS A 70 18.76 8.67 20.21
CA HIS A 70 17.66 9.39 19.58
C HIS A 70 16.38 9.30 20.41
N SER A 71 15.35 9.98 19.94
CA SER A 71 14.08 10.01 20.65
CA SER A 71 14.05 10.02 20.61
C SER A 71 13.45 8.62 20.80
N ARG A 72 13.39 7.85 19.72
CA ARG A 72 12.80 6.52 19.76
C ARG A 72 13.54 5.57 20.72
N GLY A 73 14.84 5.78 20.86
CA GLY A 73 15.64 4.91 21.70
C GLY A 73 15.45 5.22 23.16
N SER A 74 15.22 6.50 23.44
CA SER A 74 14.90 6.96 24.78
C SER A 74 13.54 6.41 25.19
N THR A 75 12.59 6.45 24.25
CA THR A 75 11.25 5.89 24.44
C THR A 75 11.34 4.39 24.77
N ASN A 76 12.26 3.69 24.11
CA ASN A 76 12.43 2.24 24.32
C ASN A 76 13.12 1.95 25.65
N LEU A 77 14.03 2.84 26.02
CA LEU A 77 14.77 2.73 27.26
C LEU A 77 13.80 2.91 28.44
N PHE A 78 12.85 3.83 28.28
CA PHE A 78 11.81 4.02 29.28
C PHE A 78 11.02 2.75 29.44
N ASN A 79 10.57 2.18 28.32
CA ASN A 79 9.85 0.91 28.37
C ASN A 79 10.70 -0.24 28.90
N GLU A 80 12.00 -0.24 28.61
CA GLU A 80 12.86 -1.31 29.11
C GLU A 80 12.89 -1.28 30.64
N VAL A 81 13.14 -0.10 31.19
CA VAL A 81 13.19 0.10 32.62
C VAL A 81 11.90 -0.40 33.27
N ASN A 82 10.77 0.01 32.72
CA ASN A 82 9.46 -0.37 33.25
C ASN A 82 9.21 -1.89 33.17
N ILE A 83 9.51 -2.47 32.04
CA ILE A 83 9.26 -3.89 31.87
C ILE A 83 10.18 -4.70 32.77
N LEU A 84 11.45 -4.29 32.86
CA LEU A 84 12.43 -5.02 33.67
C LEU A 84 12.08 -4.96 35.15
N LYS A 85 11.56 -3.82 35.60
CA LYS A 85 11.10 -3.69 36.98
C LYS A 85 9.92 -4.59 37.28
N ARG A 86 9.00 -4.73 36.34
CA ARG A 86 7.81 -5.51 36.66
C ARG A 86 7.97 -7.02 36.43
N ILE A 87 8.97 -7.44 35.65
CA ILE A 87 9.21 -8.87 35.52
C ILE A 87 10.43 -9.33 36.32
N HIS A 88 10.98 -8.41 37.10
CA HIS A 88 12.09 -8.70 38.01
C HIS A 88 11.82 -9.97 38.79
N ASN A 89 12.74 -10.93 38.72
CA ASN A 89 12.62 -12.09 39.61
C ASN A 89 11.50 -13.09 39.26
N LYS A 90 10.97 -13.00 38.05
CA LYS A 90 9.88 -13.89 37.63
C LYS A 90 10.42 -14.96 36.69
N LEU A 91 11.63 -14.75 36.17
CA LEU A 91 12.17 -15.57 35.08
C LEU A 91 13.24 -16.56 35.53
N PRO A 92 13.42 -17.68 34.77
CA PRO A 92 14.37 -18.69 35.25
C PRO A 92 15.83 -18.41 34.85
N LEU A 93 16.07 -17.28 34.19
CA LEU A 93 17.42 -16.86 33.87
C LEU A 93 17.61 -15.45 34.38
N PRO A 94 18.84 -15.12 34.79
CA PRO A 94 19.14 -13.74 35.21
C PRO A 94 18.87 -12.74 34.09
N ILE A 95 18.46 -11.54 34.49
CA ILE A 95 18.13 -10.46 33.57
C ILE A 95 18.65 -9.18 34.23
N PRO A 96 18.80 -8.09 33.47
CA PRO A 96 19.33 -6.92 34.16
C PRO A 96 18.34 -6.39 35.19
N GLU A 97 18.86 -5.93 36.32
CA GLU A 97 18.05 -5.26 37.32
C GLU A 97 18.28 -3.75 37.24
N VAL A 98 17.20 -2.97 37.38
CA VAL A 98 17.34 -1.51 37.35
C VAL A 98 17.81 -0.98 38.70
N VAL A 99 18.92 -0.24 38.66
CA VAL A 99 19.53 0.33 39.87
C VAL A 99 19.54 1.85 39.85
N PHE A 100 19.73 2.42 38.66
CA PHE A 100 19.75 3.87 38.47
C PHE A 100 18.74 4.24 37.41
N THR A 101 18.11 5.41 37.53
CA THR A 101 17.20 5.92 36.51
C THR A 101 17.46 7.38 36.23
N GLY A 102 17.38 7.76 34.95
CA GLY A 102 17.46 9.15 34.54
C GLY A 102 16.10 9.81 34.55
N MET A 103 15.89 10.78 33.66
CA MET A 103 14.68 11.60 33.69
C MET A 103 14.30 12.16 32.31
N PRO A 104 13.10 12.77 32.19
CA PRO A 104 12.73 13.40 30.91
C PRO A 104 13.57 14.62 30.49
N SER A 105 13.67 14.81 29.17
CA SER A 105 14.51 15.84 28.56
C SER A 105 13.93 16.30 27.23
N GLU A 106 12.92 17.17 27.27
CA GLU A 106 12.38 17.79 26.06
C GLU A 106 11.66 16.77 25.19
N THR A 107 12.48 15.95 24.54
CA THR A 107 12.06 15.01 23.52
C THR A 107 12.42 13.58 23.93
N TYR A 108 13.20 13.46 24.99
CA TYR A 108 13.65 12.15 25.50
C TYR A 108 12.87 11.77 26.78
N GLN A 109 12.16 10.65 26.75
CA GLN A 109 11.43 10.19 27.93
C GLN A 109 12.33 9.77 29.09
N MET A 110 13.47 9.15 28.75
CA MET A 110 14.40 8.61 29.75
C MET A 110 15.87 8.91 29.39
N SER A 111 16.49 9.82 30.14
CA SER A 111 17.81 10.37 29.79
C SER A 111 18.93 9.32 29.84
N PHE A 112 18.84 8.39 30.78
CA PHE A 112 19.69 7.21 30.85
C PHE A 112 19.07 6.23 31.85
N ALA A 113 19.62 5.04 31.92
CA ALA A 113 19.32 4.10 33.00
C ALA A 113 20.55 3.25 33.30
N GLY A 114 20.72 2.89 34.57
CA GLY A 114 21.81 2.02 34.97
C GLY A 114 21.30 0.68 35.48
N PHE A 115 21.95 -0.39 35.03
CA PHE A 115 21.52 -1.76 35.31
C PHE A 115 22.62 -2.60 35.92
N THR A 116 22.25 -3.71 36.55
CA THR A 116 23.23 -4.70 36.93
C THR A 116 23.84 -5.31 35.68
N LYS A 117 25.11 -5.63 35.72
CA LYS A 117 25.78 -6.29 34.59
C LYS A 117 25.60 -7.79 34.67
N ILE A 118 25.10 -8.40 33.60
CA ILE A 118 25.03 -9.86 33.55
C ILE A 118 26.40 -10.39 33.08
N LYS A 119 27.00 -11.27 33.88
CA LYS A 119 28.29 -11.89 33.56
CA LYS A 119 28.30 -11.81 33.48
C LYS A 119 28.14 -12.86 32.39
N GLY A 120 29.24 -13.09 31.67
CA GLY A 120 29.23 -14.04 30.56
C GLY A 120 29.53 -13.47 29.19
N VAL A 121 29.43 -14.36 28.19
CA VAL A 121 29.79 -14.10 26.81
C VAL A 121 28.63 -14.49 25.89
N PRO A 122 28.44 -13.76 24.77
CA PRO A 122 27.34 -14.14 23.88
C PRO A 122 27.46 -15.58 23.38
N LEU A 123 26.34 -16.31 23.40
CA LEU A 123 26.29 -17.65 22.86
C LEU A 123 26.15 -17.56 21.35
N THR A 124 27.27 -17.27 20.69
CA THR A 124 27.30 -17.16 19.25
C THR A 124 27.02 -18.52 18.62
N PRO A 125 26.50 -18.51 17.39
CA PRO A 125 26.35 -19.74 16.59
C PRO A 125 27.62 -20.60 16.61
N LEU A 126 28.77 -19.95 16.43
CA LEU A 126 30.06 -20.63 16.43
C LEU A 126 30.33 -21.32 17.76
N LEU A 127 30.19 -20.56 18.84
CA LEU A 127 30.34 -21.10 20.20
C LEU A 127 29.41 -22.29 20.45
N LEU A 128 28.13 -22.11 20.13
CA LEU A 128 27.14 -23.17 20.33
C LEU A 128 27.52 -24.47 19.62
N ASN A 129 27.99 -24.36 18.38
CA ASN A 129 28.28 -25.57 17.59
C ASN A 129 29.58 -26.28 17.98
N ASN A 130 30.40 -25.61 18.77
CA ASN A 130 31.65 -26.18 19.28
C ASN A 130 31.52 -26.69 20.71
N LEU A 131 30.30 -26.64 21.24
CA LEU A 131 29.97 -27.26 22.52
C LEU A 131 29.62 -28.70 22.26
N PRO A 132 29.88 -29.58 23.24
CA PRO A 132 29.43 -30.96 23.06
C PRO A 132 27.90 -31.05 23.07
N LYS A 133 27.37 -32.13 22.49
CA LYS A 133 25.94 -32.28 22.26
C LYS A 133 25.05 -32.17 23.50
N GLN A 134 25.54 -32.61 24.67
CA GLN A 134 24.75 -32.57 25.90
C GLN A 134 24.44 -31.13 26.26
N SER A 135 25.47 -30.29 26.23
CA SER A 135 25.37 -28.88 26.54
C SER A 135 24.56 -28.10 25.49
N GLN A 136 24.68 -28.52 24.24
CA GLN A 136 23.93 -27.95 23.13
C GLN A 136 22.47 -28.16 23.44
N ASN A 137 22.15 -29.39 23.81
CA ASN A 137 20.78 -29.77 24.10
C ASN A 137 20.25 -29.12 25.38
N GLN A 138 21.10 -28.99 26.39
CA GLN A 138 20.69 -28.33 27.62
C GLN A 138 20.35 -26.88 27.32
N ALA A 139 21.17 -26.26 26.47
CA ALA A 139 20.97 -24.87 26.05
C ALA A 139 19.62 -24.65 25.39
N ALA A 140 19.25 -25.55 24.47
CA ALA A 140 17.94 -25.48 23.82
C ALA A 140 16.85 -25.59 24.89
N LYS A 141 17.07 -26.48 25.85
CA LYS A 141 16.09 -26.69 26.91
C LYS A 141 15.95 -25.43 27.75
N ASP A 142 17.06 -24.85 28.18
CA ASP A 142 17.04 -23.67 29.05
C ASP A 142 16.44 -22.44 28.36
N LEU A 143 16.65 -22.32 27.05
CA LEU A 143 16.05 -21.24 26.26
C LEU A 143 14.53 -21.44 26.17
N ALA A 144 14.12 -22.68 25.91
CA ALA A 144 12.71 -22.98 25.79
C ALA A 144 12.00 -22.64 27.10
N ARG A 145 12.59 -23.04 28.21
CA ARG A 145 12.02 -22.79 29.52
C ARG A 145 11.94 -21.30 29.82
N PHE A 146 13.00 -20.57 29.44
CA PHE A 146 12.97 -19.13 29.62
C PHE A 146 11.79 -18.51 28.83
N LEU A 147 11.66 -18.87 27.56
CA LEU A 147 10.62 -18.27 26.72
C LEU A 147 9.22 -18.72 27.18
N SER A 148 9.10 -19.95 27.66
CA SER A 148 7.82 -20.48 28.14
C SER A 148 7.34 -19.70 29.38
N GLU A 149 8.26 -19.39 30.28
CA GLU A 149 7.96 -18.57 31.44
C GLU A 149 7.58 -17.14 31.04
N LEU A 150 8.40 -16.53 30.18
CA LEU A 150 8.18 -15.16 29.72
C LEU A 150 6.80 -15.02 29.07
N HIS A 151 6.50 -15.92 28.13
CA HIS A 151 5.23 -15.90 27.40
C HIS A 151 4.05 -16.26 28.29
N SER A 152 4.33 -16.74 29.52
CA SER A 152 3.28 -17.13 30.46
C SER A 152 2.95 -16.05 31.50
N ILE A 153 3.72 -14.99 31.53
CA ILE A 153 3.48 -13.92 32.48
C ILE A 153 2.15 -13.27 32.12
N ASN A 154 1.32 -12.98 33.12
CA ASN A 154 0.00 -12.40 32.83
C ASN A 154 0.09 -10.94 32.41
N ILE A 155 -0.56 -10.64 31.29
CA ILE A 155 -0.54 -9.34 30.62
C ILE A 155 -1.68 -8.38 31.01
N SER A 156 -2.56 -8.79 31.93
CA SER A 156 -3.73 -7.96 32.25
C SER A 156 -3.35 -6.59 32.82
N GLY A 157 -2.15 -6.49 33.40
CA GLY A 157 -1.74 -5.29 34.07
C GLY A 157 -0.97 -4.27 33.24
N PHE A 158 -0.57 -4.63 32.04
CA PHE A 158 0.25 -3.76 31.19
C PHE A 158 -0.63 -2.79 30.38
N LYS A 159 -0.18 -1.54 30.20
CA LYS A 159 -0.96 -0.56 29.46
C LYS A 159 -0.99 -0.79 27.94
N SER A 160 -1.97 -0.16 27.29
CA SER A 160 -2.15 -0.16 25.83
C SER A 160 -0.91 0.03 24.98
N ASN A 161 0.00 0.91 25.40
CA ASN A 161 1.15 1.28 24.59
C ASN A 161 2.14 0.13 24.45
N LEU A 162 2.11 -0.80 25.41
CA LEU A 162 3.02 -1.95 25.38
C LEU A 162 2.53 -3.04 24.40
N VAL A 163 1.26 -2.94 23.99
CA VAL A 163 0.74 -3.86 22.98
C VAL A 163 1.15 -3.44 21.57
N LEU A 164 1.56 -4.41 20.77
CA LEU A 164 1.92 -4.17 19.38
C LEU A 164 0.75 -4.45 18.44
N ASP A 165 0.28 -3.41 17.75
CA ASP A 165 -0.72 -3.62 16.71
C ASP A 165 0.03 -3.84 15.40
N PHE A 166 0.04 -5.08 14.91
CA PHE A 166 0.80 -5.42 13.71
C PHE A 166 0.14 -4.84 12.46
N ARG A 167 -1.19 -4.83 12.45
CA ARG A 167 -1.95 -4.25 11.34
C ARG A 167 -1.62 -2.78 11.20
N GLU A 168 -1.54 -2.08 12.33
CA GLU A 168 -1.20 -0.68 12.29
C GLU A 168 0.22 -0.47 11.77
N LYS A 169 1.13 -1.34 12.18
CA LYS A 169 2.53 -1.24 11.78
C LYS A 169 2.66 -1.44 10.27
N ILE A 170 2.04 -2.50 9.75
CA ILE A 170 2.05 -2.80 8.32
C ILE A 170 1.52 -1.64 7.48
N ASN A 171 0.33 -1.17 7.84
CA ASN A 171 -0.30 -0.05 7.15
C ASN A 171 0.52 1.24 7.18
N GLU A 172 1.15 1.55 8.31
CA GLU A 172 1.98 2.75 8.36
C GLU A 172 3.31 2.56 7.61
N ASP A 173 3.85 1.34 7.61
CA ASP A 173 5.04 1.07 6.83
C ASP A 173 4.71 1.19 5.34
N ASN A 174 3.57 0.66 4.95
CA ASN A 174 3.17 0.69 3.55
C ASN A 174 3.17 2.13 3.05
N LYS A 175 2.59 3.02 3.85
CA LYS A 175 2.51 4.43 3.47
C LYS A 175 3.88 5.07 3.43
N LYS A 176 4.79 4.62 4.31
CA LYS A 176 6.12 5.20 4.35
C LYS A 176 6.90 4.73 3.14
N ILE A 177 6.74 3.46 2.77
CA ILE A 177 7.37 2.89 1.56
C ILE A 177 6.89 3.55 0.26
N LYS A 178 5.57 3.75 0.16
CA LYS A 178 5.00 4.36 -1.03
C LYS A 178 5.48 5.79 -1.24
N LYS A 179 5.67 6.53 -0.15
CA LYS A 179 6.20 7.89 -0.28
C LYS A 179 7.69 7.85 -0.60
N LEU A 180 8.46 7.08 0.16
CA LEU A 180 9.91 7.06 0.03
C LEU A 180 10.39 6.55 -1.34
N LEU A 181 9.70 5.56 -1.88
CA LEU A 181 10.17 4.86 -3.07
C LEU A 181 9.46 5.31 -4.35
N SER A 182 8.55 6.27 -4.22
CA SER A 182 7.74 6.74 -5.34
C SER A 182 8.56 6.98 -6.63
N ARG A 183 9.81 7.40 -6.49
CA ARG A 183 10.60 7.68 -7.67
C ARG A 183 11.76 6.69 -7.86
N GLU A 184 11.86 5.72 -6.96
CA GLU A 184 12.91 4.70 -7.05
C GLU A 184 12.43 3.50 -7.87
N LEU A 185 11.15 3.16 -7.74
CA LEU A 185 10.56 1.94 -8.32
C LEU A 185 9.74 2.22 -9.58
N LYS A 186 9.73 1.26 -10.51
CA LYS A 186 8.84 1.37 -11.67
C LYS A 186 7.44 1.02 -11.22
N GLY A 187 6.44 1.48 -11.95
CA GLY A 187 5.04 1.18 -11.65
C GLY A 187 4.75 -0.28 -11.29
N PRO A 188 5.07 -1.22 -12.19
CA PRO A 188 4.87 -2.65 -11.89
C PRO A 188 5.58 -3.13 -10.62
N GLN A 189 6.70 -2.50 -10.28
CA GLN A 189 7.41 -2.90 -9.08
C GLN A 189 6.66 -2.45 -7.84
N MET A 190 6.17 -1.21 -7.88
CA MET A 190 5.41 -0.65 -6.76
C MET A 190 4.08 -1.42 -6.63
N LYS A 191 3.56 -1.89 -7.75
CA LYS A 191 2.42 -2.79 -7.76
C LYS A 191 2.75 -4.08 -7.00
N LYS A 192 3.90 -4.67 -7.28
CA LYS A 192 4.30 -5.86 -6.54
C LYS A 192 4.50 -5.60 -5.03
N VAL A 193 5.03 -4.42 -4.66
CA VAL A 193 5.14 -4.05 -3.25
C VAL A 193 3.74 -3.93 -2.62
N ASP A 194 2.82 -3.28 -3.33
CA ASP A 194 1.47 -3.09 -2.81
C ASP A 194 0.75 -4.43 -2.66
N ASP A 195 1.04 -5.34 -3.58
CA ASP A 195 0.52 -6.70 -3.54
C ASP A 195 1.02 -7.44 -2.30
N PHE A 196 2.32 -7.35 -2.05
CA PHE A 196 2.95 -7.99 -0.90
C PHE A 196 2.30 -7.58 0.41
N TYR A 197 2.04 -6.29 0.58
CA TYR A 197 1.42 -5.81 1.79
C TYR A 197 -0.02 -6.32 1.90
N ARG A 198 -0.74 -6.28 0.78
CA ARG A 198 -2.14 -6.68 0.78
C ARG A 198 -2.24 -8.16 1.20
N ASP A 199 -1.29 -8.98 0.72
CA ASP A 199 -1.28 -10.42 1.03
C ASP A 199 -1.05 -10.68 2.52
N ILE A 200 -0.23 -9.84 3.13
CA ILE A 200 0.11 -9.93 4.55
C ILE A 200 -1.14 -9.62 5.33
N LEU A 201 -1.76 -8.48 4.98
CA LEU A 201 -2.97 -8.01 5.63
C LEU A 201 -4.12 -9.01 5.48
N GLU A 202 -4.21 -9.65 4.32
CA GLU A 202 -5.30 -10.58 4.06
C GLU A 202 -5.08 -11.99 4.64
N ASN A 203 -3.88 -12.26 5.14
CA ASN A 203 -3.58 -13.57 5.71
C ASN A 203 -3.67 -13.53 7.23
N GLU A 204 -4.59 -14.31 7.80
CA GLU A 204 -4.96 -14.14 9.20
C GLU A 204 -3.94 -14.73 10.17
N ILE A 205 -2.98 -15.44 9.61
CA ILE A 205 -2.01 -16.15 10.42
C ILE A 205 -1.10 -15.15 11.17
N TYR A 206 -0.96 -13.93 10.65
CA TYR A 206 -0.10 -12.91 11.27
C TYR A 206 -0.80 -12.13 12.37
N PHE A 207 -2.12 -12.25 12.46
CA PHE A 207 -2.91 -11.48 13.42
C PHE A 207 -3.69 -12.34 14.42
N LYS A 208 -3.85 -13.62 14.09
CA LYS A 208 -4.70 -14.47 14.92
C LYS A 208 -3.81 -15.33 15.80
N TYR A 209 -3.31 -14.70 16.85
CA TYR A 209 -2.44 -15.33 17.83
C TYR A 209 -2.87 -14.88 19.23
N TYR A 210 -2.43 -15.61 20.25
CA TYR A 210 -2.59 -15.21 21.63
C TYR A 210 -1.42 -14.32 22.09
N PRO A 211 -1.70 -13.02 22.28
CA PRO A 211 -0.64 -12.05 22.58
C PRO A 211 -0.10 -12.26 23.99
N CYS A 212 1.19 -12.08 24.16
CA CYS A 212 1.79 -12.17 25.48
C CYS A 212 3.03 -11.29 25.52
N LEU A 213 3.65 -11.18 26.68
CA LEU A 213 4.92 -10.48 26.81
C LEU A 213 6.00 -11.23 26.03
N ILE A 214 6.58 -10.58 25.04
CA ILE A 214 7.73 -11.17 24.33
C ILE A 214 8.96 -10.29 24.44
N HIS A 215 10.10 -10.91 24.23
CA HIS A 215 11.39 -10.25 24.30
C HIS A 215 11.58 -9.28 23.12
N ASN A 216 11.18 -9.80 21.96
CA ASN A 216 11.09 -9.07 20.70
C ASN A 216 12.41 -8.65 20.10
N ASP A 217 13.51 -9.08 20.70
CA ASP A 217 14.82 -8.92 20.08
C ASP A 217 15.69 -10.09 20.45
N PHE A 218 15.11 -11.27 20.36
CA PHE A 218 15.67 -12.41 21.06
C PHE A 218 16.70 -13.09 20.15
N SER A 219 17.97 -12.69 20.27
CA SER A 219 19.00 -13.26 19.40
C SER A 219 20.25 -13.64 20.18
N SER A 220 21.14 -14.35 19.52
CA SER A 220 22.33 -14.90 20.15
C SER A 220 23.23 -13.88 20.87
N ASP A 221 23.25 -12.62 20.44
CA ASP A 221 24.09 -11.67 21.15
C ASP A 221 23.48 -11.20 22.47
N HIS A 222 22.21 -11.51 22.68
CA HIS A 222 21.55 -11.17 23.93
C HIS A 222 21.45 -12.37 24.84
N ILE A 223 22.00 -13.49 24.37
CA ILE A 223 22.06 -14.71 25.17
C ILE A 223 23.48 -14.88 25.68
N LEU A 224 23.68 -14.62 26.98
CA LEU A 224 24.98 -14.71 27.61
C LEU A 224 25.26 -16.13 28.13
N PHE A 225 26.54 -16.51 28.08
CA PHE A 225 26.92 -17.89 28.31
C PHE A 225 28.10 -17.99 29.31
N ASP A 226 27.96 -18.87 30.30
CA ASP A 226 29.01 -19.20 31.28
C ASP A 226 29.87 -20.36 30.74
N THR A 227 31.03 -20.04 30.20
CA THR A 227 31.84 -21.04 29.52
C THR A 227 32.61 -21.94 30.48
N GLU A 228 32.44 -21.68 31.77
CA GLU A 228 33.03 -22.52 32.78
C GLU A 228 32.06 -23.63 33.20
N LYS A 229 30.77 -23.29 33.29
CA LYS A 229 29.74 -24.30 33.53
C LYS A 229 29.17 -24.84 32.22
N ASN A 230 29.44 -24.17 31.12
CA ASN A 230 28.80 -24.45 29.83
C ASN A 230 27.28 -24.45 29.91
N THR A 231 26.73 -23.46 30.60
CA THR A 231 25.28 -23.20 30.58
C THR A 231 24.97 -21.72 30.33
N ILE A 232 23.77 -21.46 29.84
CA ILE A 232 23.31 -20.10 29.64
C ILE A 232 23.16 -19.46 31.02
N CYS A 233 23.67 -18.24 31.16
CA CYS A 233 23.70 -17.59 32.45
C CYS A 233 23.07 -16.19 32.36
N GLY A 234 22.28 -15.94 31.33
CA GLY A 234 21.50 -14.71 31.31
C GLY A 234 20.92 -14.28 29.98
N ILE A 235 19.91 -13.40 30.07
CA ILE A 235 19.30 -12.71 28.91
C ILE A 235 19.33 -11.20 29.10
N ILE A 236 19.74 -10.43 28.07
CA ILE A 236 19.79 -8.96 28.13
C ILE A 236 18.98 -8.27 27.02
N ASP A 237 19.02 -6.95 27.01
CA ASP A 237 18.30 -6.07 26.05
C ASP A 237 16.78 -6.33 25.91
N PHE A 238 16.01 -5.81 26.85
CA PHE A 238 14.57 -5.88 26.75
C PHE A 238 14.03 -4.57 26.18
N GLY A 239 14.90 -3.85 25.46
CA GLY A 239 14.55 -2.53 24.95
C GLY A 239 13.38 -2.56 24.00
N ASP A 240 13.22 -3.67 23.28
CA ASP A 240 12.12 -3.80 22.32
C ASP A 240 10.95 -4.61 22.90
N ALA A 241 11.05 -4.99 24.18
CA ALA A 241 10.10 -5.92 24.77
C ALA A 241 8.69 -5.39 24.60
N ALA A 242 7.74 -6.28 24.31
CA ALA A 242 6.39 -5.81 24.11
C ALA A 242 5.38 -6.94 24.19
N ILE A 243 4.11 -6.55 24.17
CA ILE A 243 3.02 -7.49 24.06
C ILE A 243 2.77 -7.74 22.59
N SER A 244 3.08 -8.94 22.13
CA SER A 244 3.00 -9.24 20.72
C SER A 244 2.91 -10.76 20.52
N ASP A 245 3.41 -11.26 19.38
CA ASP A 245 3.30 -12.66 19.01
C ASP A 245 4.50 -13.49 19.51
N PRO A 246 4.25 -14.52 20.36
CA PRO A 246 5.36 -15.32 20.89
C PRO A 246 6.18 -16.01 19.81
N ASP A 247 5.58 -16.26 18.64
CA ASP A 247 6.37 -16.85 17.55
C ASP A 247 7.55 -15.94 17.17
N ASN A 248 7.45 -14.63 17.40
CA ASN A 248 8.54 -13.76 17.01
C ASN A 248 9.83 -14.04 17.77
N ASP A 249 9.73 -14.56 18.99
CA ASP A 249 10.93 -14.88 19.78
C ASP A 249 11.68 -16.11 19.25
N PHE A 250 11.05 -16.88 18.38
CA PHE A 250 11.71 -18.03 17.76
C PHE A 250 12.28 -17.65 16.38
N ILE A 251 11.49 -16.89 15.62
CA ILE A 251 11.86 -16.44 14.29
C ILE A 251 13.21 -15.70 14.30
N SER A 252 13.41 -14.88 15.32
CA SER A 252 14.61 -14.05 15.48
C SER A 252 15.87 -14.87 15.78
N LEU A 253 15.72 -16.17 16.04
CA LEU A 253 16.90 -17.04 16.19
C LEU A 253 17.16 -17.94 14.97
N MET A 254 16.32 -17.82 13.95
CA MET A 254 16.28 -18.86 12.91
C MET A 254 17.22 -18.67 11.71
N GLU A 255 17.68 -17.45 11.48
CA GLU A 255 18.48 -17.14 10.30
C GLU A 255 19.78 -17.94 10.28
N ASP A 256 20.11 -18.53 9.14
CA ASP A 256 21.18 -19.54 9.07
C ASP A 256 22.56 -19.05 9.51
N ASP A 257 23.03 -17.96 8.93
CA ASP A 257 24.26 -17.35 9.39
C ASP A 257 23.83 -16.11 10.12
N GLU A 258 24.64 -15.70 11.09
CA GLU A 258 24.29 -14.69 12.10
C GLU A 258 23.53 -15.31 13.29
N GLU A 259 22.49 -16.11 13.03
CA GLU A 259 21.81 -16.74 14.17
C GLU A 259 21.95 -18.26 14.09
N TYR A 260 21.14 -18.95 14.89
CA TYR A 260 21.24 -20.40 15.03
C TYR A 260 20.57 -21.06 13.84
N GLY A 261 20.78 -22.35 13.66
CA GLY A 261 20.06 -23.00 12.58
C GLY A 261 18.56 -23.17 12.84
N MET A 262 17.84 -23.59 11.80
CA MET A 262 16.48 -24.09 11.95
C MET A 262 16.46 -25.38 12.78
N GLU A 263 17.53 -26.17 12.68
CA GLU A 263 17.59 -27.44 13.43
C GLU A 263 17.62 -27.21 14.94
N PHE A 264 18.40 -26.22 15.37
CA PHE A 264 18.51 -25.93 16.77
C PHE A 264 17.26 -25.24 17.35
N VAL A 265 16.66 -24.36 16.57
CA VAL A 265 15.44 -23.70 17.03
C VAL A 265 14.29 -24.74 17.10
N SER A 266 14.32 -25.69 16.17
CA SER A 266 13.42 -26.82 16.26
C SER A 266 13.53 -27.51 17.61
N LYS A 267 14.76 -27.73 18.08
CA LYS A 267 14.93 -28.31 19.42
C LYS A 267 14.27 -27.43 20.49
N ILE A 268 14.42 -26.11 20.37
CA ILE A 268 13.82 -25.19 21.33
C ILE A 268 12.29 -25.25 21.29
N LEU A 269 11.73 -25.22 20.08
CA LEU A 269 10.30 -25.22 19.84
C LEU A 269 9.62 -26.46 20.46
N ASN A 270 10.30 -27.59 20.35
CA ASN A 270 9.76 -28.83 20.87
C ASN A 270 9.87 -28.93 22.39
N HIS A 271 10.97 -28.46 22.97
CA HIS A 271 11.05 -28.35 24.43
C HIS A 271 9.93 -27.41 24.92
N TYR A 272 9.68 -26.39 24.12
CA TYR A 272 8.69 -25.38 24.44
C TYR A 272 7.26 -25.98 24.30
N LYS A 273 7.18 -27.05 23.51
CA LYS A 273 5.94 -27.81 23.22
C LYS A 273 5.04 -27.07 22.22
N HIS A 274 5.67 -26.36 21.29
CA HIS A 274 4.97 -25.67 20.22
C HIS A 274 4.24 -26.68 19.32
N LYS A 275 3.00 -26.35 18.92
CA LYS A 275 2.16 -27.32 18.22
C LYS A 275 2.02 -27.03 16.74
N ASP A 276 2.66 -25.99 16.26
CA ASP A 276 2.51 -25.59 14.87
C ASP A 276 3.81 -24.94 14.34
N ILE A 277 4.84 -25.75 14.23
CA ILE A 277 6.10 -25.25 13.70
C ILE A 277 5.99 -24.77 12.24
N PRO A 278 5.15 -25.41 11.39
CA PRO A 278 5.00 -24.82 10.05
C PRO A 278 4.58 -23.33 10.03
N THR A 279 3.73 -22.90 10.97
CA THR A 279 3.29 -21.51 11.03
C THR A 279 4.46 -20.58 11.41
N VAL A 280 5.27 -21.01 12.36
CA VAL A 280 6.49 -20.28 12.70
C VAL A 280 7.42 -20.14 11.49
N LEU A 281 7.49 -21.18 10.67
CA LEU A 281 8.35 -21.18 9.49
C LEU A 281 7.80 -20.18 8.47
N GLU A 282 6.49 -20.22 8.26
CA GLU A 282 5.80 -19.29 7.38
C GLU A 282 6.04 -17.84 7.82
N LYS A 283 5.94 -17.60 9.14
CA LYS A 283 6.12 -16.26 9.67
C LYS A 283 7.56 -15.78 9.47
N TYR A 284 8.49 -16.72 9.61
CA TYR A 284 9.90 -16.44 9.38
C TYR A 284 10.13 -15.96 7.96
N ARG A 285 9.61 -16.73 7.00
CA ARG A 285 9.77 -16.44 5.58
CA ARG A 285 9.79 -16.43 5.58
C ARG A 285 9.22 -15.06 5.23
N MET A 286 8.15 -14.67 5.92
CA MET A 286 7.51 -13.39 5.68
C MET A 286 8.39 -12.27 6.21
N LYS A 287 8.92 -12.46 7.43
CA LYS A 287 9.78 -11.44 8.04
C LYS A 287 11.10 -11.31 7.25
N GLU A 288 11.56 -12.41 6.68
CA GLU A 288 12.78 -12.35 5.88
C GLU A 288 12.60 -11.39 4.68
N LYS A 289 11.49 -11.49 3.94
CA LYS A 289 11.20 -10.57 2.85
C LYS A 289 10.98 -9.14 3.39
N TYR A 290 10.30 -9.06 4.53
CA TYR A 290 9.85 -7.78 5.03
C TYR A 290 11.01 -6.91 5.50
N TRP A 291 12.12 -7.55 5.85
CA TRP A 291 13.28 -6.85 6.35
C TRP A 291 13.82 -5.81 5.35
N SER A 292 13.73 -6.10 4.06
CA SER A 292 14.19 -5.13 3.04
C SER A 292 13.48 -3.77 3.21
N PHE A 293 12.17 -3.81 3.47
CA PHE A 293 11.40 -2.59 3.67
C PHE A 293 11.76 -1.91 4.97
N GLU A 294 12.01 -2.72 6.00
CA GLU A 294 12.49 -2.21 7.27
C GLU A 294 13.79 -1.41 7.09
N LYS A 295 14.70 -1.94 6.28
CA LYS A 295 15.96 -1.26 6.00
C LYS A 295 15.76 0.07 5.26
N ILE A 296 14.74 0.13 4.41
CA ILE A 296 14.47 1.35 3.66
C ILE A 296 13.96 2.42 4.60
N ILE A 297 12.97 2.06 5.39
CA ILE A 297 12.35 2.99 6.31
C ILE A 297 13.38 3.49 7.33
N TYR A 298 14.07 2.57 7.99
CA TYR A 298 14.98 2.98 9.03
C TYR A 298 16.29 3.54 8.48
N GLY A 299 16.63 3.12 7.27
CA GLY A 299 17.74 3.71 6.52
C GLY A 299 17.50 5.19 6.25
N LYS A 300 16.26 5.56 5.91
CA LYS A 300 15.92 6.97 5.80
C LYS A 300 15.74 7.53 7.21
N GLU A 301 14.76 7.00 7.95
CA GLU A 301 14.33 7.59 9.22
C GLU A 301 15.47 8.04 10.13
N TYR A 302 16.62 7.40 10.00
CA TYR A 302 17.80 7.83 10.74
C TYR A 302 18.85 8.46 9.81
N GLY A 303 19.91 7.74 9.49
CA GLY A 303 20.97 8.34 8.68
C GLY A 303 21.78 7.46 7.74
N TYR A 304 21.62 6.15 7.81
CA TYR A 304 22.45 5.28 7.00
C TYR A 304 21.87 4.99 5.61
N MET A 305 22.36 5.73 4.62
CA MET A 305 21.90 5.54 3.24
C MET A 305 22.47 4.26 2.62
N ASP A 306 23.25 3.52 3.40
CA ASP A 306 23.76 2.23 2.93
C ASP A 306 22.83 1.09 3.36
N TRP A 307 22.00 1.35 4.37
CA TRP A 307 20.93 0.42 4.71
C TRP A 307 19.76 0.69 3.76
N TYR A 308 19.59 1.95 3.40
CA TYR A 308 18.59 2.33 2.41
C TYR A 308 18.90 1.69 1.05
N GLU A 309 20.16 1.76 0.62
CA GLU A 309 20.56 1.21 -0.67
C GLU A 309 20.51 -0.34 -0.69
N GLU A 310 20.79 -0.99 0.43
CA GLU A 310 20.68 -2.46 0.50
C GLU A 310 19.25 -2.94 0.28
N GLY A 311 18.31 -2.36 1.02
CA GLY A 311 16.91 -2.73 0.93
C GLY A 311 16.37 -2.52 -0.48
N LEU A 312 16.70 -1.36 -1.06
CA LEU A 312 16.29 -1.01 -2.41
C LEU A 312 16.82 -2.03 -3.43
N ASN A 313 18.09 -2.41 -3.29
CA ASN A 313 18.70 -3.45 -4.12
C ASN A 313 18.05 -4.83 -3.95
N GLU A 314 17.68 -5.19 -2.72
CA GLU A 314 16.95 -6.45 -2.47
C GLU A 314 15.53 -6.46 -3.07
N ILE A 315 14.87 -5.29 -3.07
CA ILE A 315 13.56 -5.19 -3.70
C ILE A 315 13.68 -5.34 -5.21
N ARG A 316 14.66 -4.67 -5.81
CA ARG A 316 14.83 -4.73 -7.25
C ARG A 316 15.31 -6.10 -7.73
N SER A 317 15.89 -6.90 -6.83
CA SER A 317 16.41 -8.22 -7.17
C SER A 317 15.32 -9.22 -7.56
N MET B 21 -15.38 -3.13 -35.64
CA MET B 21 -15.97 -4.12 -36.54
C MET B 21 -16.48 -3.45 -37.84
N ARG B 22 -16.88 -2.18 -37.76
CA ARG B 22 -17.22 -1.43 -38.98
C ARG B 22 -16.17 -0.36 -39.26
N THR B 23 -15.87 -0.13 -40.54
CA THR B 23 -14.96 0.93 -40.92
C THR B 23 -15.55 1.81 -42.04
N TYR B 24 -14.98 2.99 -42.24
CA TYR B 24 -15.49 3.96 -43.19
C TYR B 24 -14.40 4.48 -44.10
N THR B 25 -14.77 4.80 -45.33
CA THR B 25 -13.93 5.59 -46.21
C THR B 25 -14.31 7.05 -46.06
N PHE B 26 -13.42 7.96 -46.47
CA PHE B 26 -13.73 9.37 -46.37
C PHE B 26 -15.02 9.66 -47.13
N ASP B 27 -15.16 9.09 -48.32
CA ASP B 27 -16.34 9.31 -49.15
C ASP B 27 -17.63 8.84 -48.48
N GLN B 28 -17.59 7.66 -47.86
CA GLN B 28 -18.71 7.19 -47.07
C GLN B 28 -19.08 8.23 -45.99
N VAL B 29 -18.06 8.72 -45.29
CA VAL B 29 -18.31 9.72 -44.26
C VAL B 29 -18.96 10.95 -44.88
N GLU B 30 -18.44 11.40 -46.02
CA GLU B 30 -18.95 12.63 -46.62
C GLU B 30 -20.40 12.47 -47.09
N LYS B 31 -20.73 11.31 -47.65
CA LYS B 31 -22.06 11.10 -48.20
C LYS B 31 -23.08 11.03 -47.09
N ALA B 32 -22.67 10.44 -45.96
CA ALA B 32 -23.55 10.34 -44.80
C ALA B 32 -23.94 11.73 -44.28
N ILE B 33 -22.97 12.63 -44.20
CA ILE B 33 -23.22 14.00 -43.74
C ILE B 33 -24.03 14.78 -44.78
N GLU B 34 -23.72 14.58 -46.05
CA GLU B 34 -24.37 15.32 -47.13
C GLU B 34 -25.85 15.02 -47.17
N GLN B 35 -26.18 13.77 -46.91
CA GLN B 35 -27.56 13.32 -46.90
C GLN B 35 -28.41 14.08 -45.87
N LEU B 36 -27.87 14.30 -44.67
CA LEU B 36 -28.64 14.99 -43.65
C LEU B 36 -28.36 16.49 -43.60
N TYR B 37 -27.26 16.94 -44.21
CA TYR B 37 -26.97 18.38 -44.26
C TYR B 37 -26.57 18.83 -45.67
N PRO B 38 -27.57 19.01 -46.56
CA PRO B 38 -27.34 19.41 -47.97
C PRO B 38 -26.78 20.83 -48.13
N ASP B 39 -26.86 21.64 -47.08
CA ASP B 39 -26.27 22.98 -47.09
C ASP B 39 -24.77 22.93 -46.88
N PHE B 40 -24.33 21.92 -46.13
CA PHE B 40 -22.97 21.87 -45.63
C PHE B 40 -21.95 21.42 -46.68
N THR B 41 -21.10 22.35 -47.09
CA THR B 41 -20.03 22.02 -48.02
C THR B 41 -18.77 21.68 -47.21
N ILE B 42 -18.14 20.57 -47.57
CA ILE B 42 -16.94 20.10 -46.90
C ILE B 42 -15.70 20.47 -47.72
N ASN B 43 -14.83 21.27 -47.11
CA ASN B 43 -13.60 21.69 -47.76
C ASN B 43 -12.46 20.75 -47.44
N THR B 44 -12.29 20.49 -46.15
CA THR B 44 -11.18 19.66 -45.69
C THR B 44 -11.70 18.57 -44.76
N ILE B 45 -11.22 17.36 -44.98
CA ILE B 45 -11.48 16.28 -44.04
C ILE B 45 -10.21 15.46 -43.74
N GLN B 46 -9.98 15.19 -42.46
CA GLN B 46 -8.95 14.24 -42.06
C GLN B 46 -9.37 13.57 -40.78
N ILE B 47 -8.64 12.52 -40.42
CA ILE B 47 -8.94 11.78 -39.21
C ILE B 47 -8.25 12.42 -38.02
N SER B 48 -9.04 12.85 -37.04
CA SER B 48 -8.56 13.45 -35.80
C SER B 48 -7.95 12.43 -34.85
N GLY B 49 -8.61 11.30 -34.73
CA GLY B 49 -8.20 10.27 -33.80
C GLY B 49 -9.23 9.17 -33.73
N LYS B 50 -8.99 8.20 -32.86
CA LYS B 50 -9.83 7.00 -32.84
C LYS B 50 -9.94 6.43 -31.44
N GLY B 51 -11.16 6.17 -30.98
CA GLY B 51 -11.37 5.64 -29.65
C GLY B 51 -11.87 4.21 -29.62
N ASN B 52 -12.49 3.82 -28.51
CA ASN B 52 -13.07 2.48 -28.39
C ASN B 52 -14.36 2.39 -29.18
N ASP B 53 -15.05 3.52 -29.31
CA ASP B 53 -16.39 3.53 -29.92
C ASP B 53 -16.38 4.08 -31.35
N CYS B 54 -15.65 5.17 -31.55
CA CYS B 54 -15.77 5.91 -32.79
C CYS B 54 -14.46 6.27 -33.49
N ILE B 55 -14.55 6.48 -34.79
CA ILE B 55 -13.49 7.16 -35.50
C ILE B 55 -13.92 8.61 -35.55
N ALA B 56 -13.00 9.51 -35.26
CA ALA B 56 -13.25 10.94 -35.25
C ALA B 56 -12.66 11.60 -36.48
N TYR B 57 -13.48 12.40 -37.16
CA TYR B 57 -13.06 13.12 -38.36
C TYR B 57 -13.10 14.63 -38.10
N GLU B 58 -11.99 15.29 -38.42
CA GLU B 58 -11.89 16.73 -38.33
C GLU B 58 -12.23 17.30 -39.69
N ILE B 59 -13.34 18.03 -39.73
CA ILE B 59 -13.92 18.57 -40.95
C ILE B 59 -13.90 20.11 -40.89
N ASN B 60 -13.50 20.72 -42.00
CA ASN B 60 -13.36 22.17 -42.13
C ASN B 60 -12.64 22.80 -40.93
N ARG B 61 -11.71 22.05 -40.33
CA ARG B 61 -10.80 22.57 -39.31
C ARG B 61 -11.43 22.70 -37.89
N ASP B 62 -12.67 23.18 -37.81
CA ASP B 62 -13.29 23.49 -36.52
C ASP B 62 -14.30 22.47 -35.97
N PHE B 63 -14.64 21.44 -36.76
CA PHE B 63 -15.58 20.44 -36.26
C PHE B 63 -14.99 19.04 -36.13
N ILE B 64 -15.53 18.27 -35.19
CA ILE B 64 -15.16 16.88 -35.04
C ILE B 64 -16.40 15.99 -35.18
N PHE B 65 -16.40 15.16 -36.23
CA PHE B 65 -17.47 14.21 -36.47
C PHE B 65 -17.08 12.81 -36.01
N LYS B 66 -17.86 12.27 -35.07
CA LYS B 66 -17.65 10.90 -34.64
C LYS B 66 -18.61 9.98 -35.35
N PHE B 67 -18.04 8.89 -35.85
CA PHE B 67 -18.77 7.80 -36.48
C PHE B 67 -18.49 6.52 -35.69
N PRO B 68 -19.55 5.80 -35.30
CA PRO B 68 -19.43 4.56 -34.52
C PRO B 68 -18.92 3.33 -35.29
N LYS B 69 -18.08 2.54 -34.62
CA LYS B 69 -17.51 1.33 -35.19
C LYS B 69 -18.36 0.10 -34.92
N HIS B 70 -19.35 0.24 -34.03
CA HIS B 70 -20.25 -0.85 -33.67
C HIS B 70 -21.54 -0.32 -33.01
N SER B 71 -22.54 -1.20 -32.83
CA SER B 71 -23.83 -0.83 -32.21
C SER B 71 -23.69 -0.14 -30.85
N ARG B 72 -22.94 -0.77 -29.96
CA ARG B 72 -22.68 -0.21 -28.65
C ARG B 72 -22.09 1.20 -28.73
N GLY B 73 -21.15 1.41 -29.66
CA GLY B 73 -20.56 2.72 -29.86
C GLY B 73 -21.60 3.75 -30.30
N SER B 74 -22.52 3.30 -31.16
CA SER B 74 -23.58 4.18 -31.67
C SER B 74 -24.55 4.62 -30.55
N THR B 75 -24.91 3.67 -29.69
CA THR B 75 -25.72 3.92 -28.52
C THR B 75 -25.05 4.91 -27.55
N ASN B 76 -23.74 4.74 -27.37
CA ASN B 76 -22.98 5.64 -26.51
C ASN B 76 -22.93 7.05 -27.08
N LEU B 77 -22.81 7.11 -28.41
CA LEU B 77 -22.82 8.36 -29.16
C LEU B 77 -24.17 9.09 -28.98
N PHE B 78 -25.27 8.35 -29.12
CA PHE B 78 -26.61 8.87 -28.84
C PHE B 78 -26.67 9.51 -27.46
N ASN B 79 -26.26 8.76 -26.44
CA ASN B 79 -26.24 9.29 -25.10
C ASN B 79 -25.28 10.48 -24.94
N GLU B 80 -24.14 10.44 -25.61
CA GLU B 80 -23.18 11.53 -25.50
C GLU B 80 -23.81 12.84 -25.97
N VAL B 81 -24.49 12.76 -27.10
CA VAL B 81 -25.24 13.90 -27.63
C VAL B 81 -26.32 14.42 -26.68
N ASN B 82 -27.12 13.51 -26.11
CA ASN B 82 -28.19 13.85 -25.16
CA ASN B 82 -28.20 13.93 -25.21
C ASN B 82 -27.62 14.56 -23.93
N ILE B 83 -26.56 13.98 -23.38
CA ILE B 83 -25.91 14.58 -22.22
C ILE B 83 -25.25 15.92 -22.59
N LEU B 84 -24.56 15.97 -23.73
CA LEU B 84 -23.80 17.19 -24.05
C LEU B 84 -24.76 18.35 -24.36
N LYS B 85 -25.94 18.05 -24.89
CA LYS B 85 -26.97 19.09 -25.05
C LYS B 85 -27.46 19.57 -23.69
N ARG B 86 -27.63 18.64 -22.74
CA ARG B 86 -28.17 18.97 -21.42
C ARG B 86 -27.25 19.77 -20.51
N ILE B 87 -25.95 19.52 -20.59
CA ILE B 87 -25.02 20.23 -19.73
C ILE B 87 -24.27 21.30 -20.50
N HIS B 88 -24.89 21.74 -21.60
CA HIS B 88 -24.27 22.77 -22.40
C HIS B 88 -24.17 24.07 -21.61
N ASN B 89 -22.93 24.55 -21.51
CA ASN B 89 -22.63 25.82 -20.89
C ASN B 89 -22.83 25.83 -19.39
N LYS B 90 -22.62 24.69 -18.75
CA LYS B 90 -22.80 24.61 -17.30
C LYS B 90 -21.48 24.39 -16.54
N LEU B 91 -20.44 24.00 -17.26
CA LEU B 91 -19.19 23.60 -16.63
C LEU B 91 -18.08 24.66 -16.78
N PRO B 92 -17.04 24.59 -15.91
CA PRO B 92 -15.99 25.62 -15.90
C PRO B 92 -14.80 25.34 -16.84
N LEU B 93 -14.89 24.26 -17.62
CA LEU B 93 -13.90 23.96 -18.63
C LEU B 93 -14.63 23.73 -19.93
N PRO B 94 -14.04 24.14 -21.07
CA PRO B 94 -14.61 23.78 -22.37
C PRO B 94 -14.91 22.28 -22.53
N ILE B 95 -16.11 21.97 -23.03
CA ILE B 95 -16.51 20.61 -23.43
C ILE B 95 -17.12 20.71 -24.85
N PRO B 96 -17.18 19.60 -25.62
CA PRO B 96 -17.69 19.72 -26.99
C PRO B 96 -19.12 20.16 -27.06
N GLU B 97 -19.47 20.86 -28.13
CA GLU B 97 -20.82 21.28 -28.34
C GLU B 97 -21.44 20.52 -29.51
N VAL B 98 -22.72 20.18 -29.41
CA VAL B 98 -23.35 19.42 -30.49
C VAL B 98 -23.79 20.33 -31.62
N VAL B 99 -23.33 20.05 -32.83
CA VAL B 99 -23.69 20.90 -33.97
C VAL B 99 -24.40 20.07 -35.04
N PHE B 100 -23.98 18.82 -35.19
CA PHE B 100 -24.57 17.95 -36.20
C PHE B 100 -25.00 16.66 -35.54
N THR B 101 -26.14 16.12 -35.96
CA THR B 101 -26.55 14.80 -35.50
C THR B 101 -26.93 13.93 -36.71
N GLY B 102 -26.61 12.63 -36.63
CA GLY B 102 -27.12 11.68 -37.60
C GLY B 102 -28.52 11.22 -37.22
N MET B 103 -28.89 10.04 -37.70
CA MET B 103 -30.20 9.46 -37.40
C MET B 103 -30.04 7.95 -37.16
N PRO B 104 -31.06 7.29 -36.59
CA PRO B 104 -31.16 5.82 -36.57
C PRO B 104 -30.86 5.16 -37.91
N SER B 105 -30.20 4.01 -37.86
CA SER B 105 -29.85 3.27 -39.06
C SER B 105 -29.70 1.80 -38.73
N GLU B 106 -30.70 1.01 -39.09
CA GLU B 106 -30.68 -0.42 -38.85
C GLU B 106 -30.41 -0.71 -37.38
N THR B 107 -29.20 -1.20 -37.13
CA THR B 107 -28.77 -1.57 -35.79
C THR B 107 -28.02 -0.46 -35.06
N TYR B 108 -27.92 0.73 -35.69
CA TYR B 108 -27.26 1.86 -35.06
C TYR B 108 -28.29 2.91 -34.61
N GLN B 109 -28.32 3.23 -33.32
CA GLN B 109 -29.24 4.25 -32.83
C GLN B 109 -28.85 5.65 -33.30
N MET B 110 -27.55 5.92 -33.41
CA MET B 110 -27.05 7.21 -33.89
C MET B 110 -25.96 7.02 -34.97
N SER B 111 -26.31 7.45 -36.18
CA SER B 111 -25.48 7.43 -37.41
C SER B 111 -24.06 7.98 -37.26
N PHE B 112 -24.04 9.20 -36.71
CA PHE B 112 -22.85 9.99 -36.49
C PHE B 112 -23.29 11.17 -35.62
N ALA B 113 -22.35 12.04 -35.31
CA ALA B 113 -22.65 13.32 -34.68
C ALA B 113 -21.45 14.22 -34.88
N GLY B 114 -21.67 15.52 -34.95
CA GLY B 114 -20.57 16.44 -35.21
C GLY B 114 -20.50 17.48 -34.13
N PHE B 115 -19.31 17.70 -33.58
CA PHE B 115 -19.12 18.59 -32.44
C PHE B 115 -18.15 19.72 -32.71
N THR B 116 -18.15 20.69 -31.79
CA THR B 116 -17.12 21.73 -31.81
C THR B 116 -15.78 21.07 -31.49
N LYS B 117 -14.72 21.45 -32.21
CA LYS B 117 -13.38 20.96 -31.90
C LYS B 117 -12.82 21.65 -30.67
N ILE B 118 -12.42 20.85 -29.69
CA ILE B 118 -11.71 21.37 -28.53
C ILE B 118 -10.21 21.33 -28.84
N LYS B 119 -9.57 22.49 -28.82
CA LYS B 119 -8.15 22.57 -29.16
C LYS B 119 -7.31 22.09 -27.99
N GLY B 120 -6.02 21.90 -28.25
CA GLY B 120 -5.09 21.43 -27.24
C GLY B 120 -4.58 20.02 -27.43
N VAL B 121 -3.65 19.62 -26.55
CA VAL B 121 -3.08 18.28 -26.58
C VAL B 121 -3.44 17.57 -25.27
N PRO B 122 -3.38 16.22 -25.26
CA PRO B 122 -3.71 15.55 -23.99
C PRO B 122 -2.65 15.80 -22.92
N LEU B 123 -3.12 15.97 -21.69
CA LEU B 123 -2.24 16.13 -20.55
C LEU B 123 -1.73 14.77 -20.09
N THR B 124 -0.70 14.28 -20.77
CA THR B 124 -0.23 12.95 -20.45
C THR B 124 0.47 13.03 -19.12
N PRO B 125 0.65 11.88 -18.46
CA PRO B 125 1.50 11.87 -17.26
C PRO B 125 2.91 12.41 -17.54
N LEU B 126 3.41 12.18 -18.75
CA LEU B 126 4.71 12.73 -19.16
C LEU B 126 4.71 14.24 -19.09
N LEU B 127 3.75 14.84 -19.79
CA LEU B 127 3.65 16.28 -19.86
C LEU B 127 3.35 16.87 -18.48
N LEU B 128 2.46 16.21 -17.73
CA LEU B 128 2.12 16.71 -16.41
C LEU B 128 3.37 16.83 -15.55
N ASN B 129 4.08 15.73 -15.33
CA ASN B 129 5.27 15.80 -14.47
C ASN B 129 6.43 16.61 -15.06
N ASN B 130 6.27 17.13 -16.26
CA ASN B 130 7.29 18.04 -16.78
C ASN B 130 6.93 19.50 -16.56
N LEU B 131 5.73 19.75 -16.07
CA LEU B 131 5.32 21.12 -15.80
C LEU B 131 5.96 21.61 -14.51
N PRO B 132 6.12 22.94 -14.38
CA PRO B 132 6.51 23.55 -13.11
C PRO B 132 5.50 23.21 -12.03
N LYS B 133 5.94 23.21 -10.77
CA LYS B 133 5.07 22.78 -9.67
C LYS B 133 3.76 23.55 -9.64
N GLN B 134 3.84 24.88 -9.75
CA GLN B 134 2.64 25.73 -9.78
C GLN B 134 1.65 25.26 -10.83
N SER B 135 2.12 25.08 -12.07
CA SER B 135 1.29 24.59 -13.15
C SER B 135 0.64 23.25 -12.84
N GLN B 136 1.39 22.37 -12.19
CA GLN B 136 0.84 21.08 -11.76
C GLN B 136 -0.28 21.26 -10.76
N ASN B 137 -0.06 22.18 -9.82
CA ASN B 137 -1.03 22.45 -8.76
C ASN B 137 -2.29 23.10 -9.30
N GLN B 138 -2.10 24.01 -10.27
CA GLN B 138 -3.21 24.64 -10.95
C GLN B 138 -4.06 23.57 -11.65
N ALA B 139 -3.39 22.60 -12.28
CA ALA B 139 -4.11 21.49 -12.92
C ALA B 139 -4.90 20.64 -11.93
N ALA B 140 -4.29 20.28 -10.82
CA ALA B 140 -5.00 19.52 -9.80
C ALA B 140 -6.27 20.27 -9.34
N LYS B 141 -6.10 21.53 -8.96
CA LYS B 141 -7.20 22.40 -8.59
C LYS B 141 -8.27 22.49 -9.70
N ASP B 142 -7.83 22.73 -10.94
CA ASP B 142 -8.75 22.91 -12.09
C ASP B 142 -9.58 21.66 -12.40
N LEU B 143 -8.97 20.49 -12.21
CA LEU B 143 -9.71 19.26 -12.41
C LEU B 143 -10.72 19.06 -11.26
N ALA B 144 -10.30 19.42 -10.05
CA ALA B 144 -11.18 19.34 -8.88
C ALA B 144 -12.45 20.16 -9.09
N ARG B 145 -12.26 21.37 -9.60
CA ARG B 145 -13.37 22.29 -9.79
C ARG B 145 -14.29 21.79 -10.90
N PHE B 146 -13.73 21.18 -11.95
CA PHE B 146 -14.55 20.64 -13.02
C PHE B 146 -15.43 19.51 -12.52
N LEU B 147 -14.83 18.55 -11.80
CA LEU B 147 -15.58 17.39 -11.30
C LEU B 147 -16.60 17.80 -10.23
N SER B 148 -16.24 18.76 -9.40
CA SER B 148 -17.15 19.29 -8.39
C SER B 148 -18.45 19.82 -9.02
N GLU B 149 -18.32 20.61 -10.08
CA GLU B 149 -19.45 21.18 -10.80
C GLU B 149 -20.25 20.09 -11.53
N LEU B 150 -19.54 19.20 -12.21
CA LEU B 150 -20.14 18.06 -12.89
C LEU B 150 -20.97 17.21 -11.91
N HIS B 151 -20.38 16.88 -10.76
CA HIS B 151 -21.05 16.05 -9.76
C HIS B 151 -22.13 16.82 -8.98
N SER B 152 -22.21 18.13 -9.20
CA SER B 152 -23.17 19.01 -8.53
C SER B 152 -24.44 19.21 -9.34
N ILE B 153 -24.39 18.88 -10.64
CA ILE B 153 -25.52 19.05 -11.53
C ILE B 153 -26.71 18.17 -11.10
N ASN B 154 -27.90 18.74 -11.13
CA ASN B 154 -29.10 18.07 -10.66
C ASN B 154 -29.55 16.94 -11.59
N ILE B 155 -29.82 15.75 -11.01
CA ILE B 155 -30.15 14.57 -11.83
C ILE B 155 -31.64 14.39 -12.19
N SER B 156 -32.48 15.34 -11.80
CA SER B 156 -33.91 15.23 -12.12
C SER B 156 -34.18 15.21 -13.62
N GLY B 157 -33.38 15.93 -14.38
CA GLY B 157 -33.68 16.15 -15.78
C GLY B 157 -33.30 14.98 -16.68
N PHE B 158 -32.54 14.06 -16.12
CA PHE B 158 -31.98 12.95 -16.88
C PHE B 158 -32.89 11.75 -16.83
N LYS B 159 -32.97 11.04 -17.95
CA LYS B 159 -33.79 9.84 -18.02
C LYS B 159 -33.18 8.73 -17.16
N SER B 160 -34.07 7.90 -16.59
CA SER B 160 -33.68 6.85 -15.67
C SER B 160 -32.72 5.87 -16.32
N ASN B 161 -32.85 5.66 -17.62
CA ASN B 161 -31.97 4.73 -18.32
C ASN B 161 -30.47 5.09 -18.23
N LEU B 162 -30.16 6.26 -17.69
CA LEU B 162 -28.77 6.66 -17.48
C LEU B 162 -28.29 6.33 -16.06
N VAL B 163 -29.21 5.92 -15.18
CA VAL B 163 -28.86 5.62 -13.80
C VAL B 163 -28.25 4.22 -13.66
N LEU B 164 -26.92 4.16 -13.69
CA LEU B 164 -26.18 2.91 -13.56
C LEU B 164 -26.53 2.08 -12.33
N ASP B 165 -26.95 0.84 -12.54
CA ASP B 165 -27.12 -0.11 -11.45
C ASP B 165 -25.91 -1.03 -11.41
N PHE B 166 -24.95 -0.69 -10.56
CA PHE B 166 -23.73 -1.46 -10.39
C PHE B 166 -24.06 -2.88 -9.92
N ARG B 167 -25.06 -3.02 -9.05
CA ARG B 167 -25.43 -4.33 -8.52
C ARG B 167 -25.94 -5.25 -9.63
N GLU B 168 -26.71 -4.70 -10.56
CA GLU B 168 -27.22 -5.50 -11.67
C GLU B 168 -26.11 -5.82 -12.66
N LYS B 169 -25.21 -4.87 -12.84
CA LYS B 169 -24.04 -5.03 -13.70
C LYS B 169 -23.26 -6.28 -13.33
N ILE B 170 -23.00 -6.47 -12.03
CA ILE B 170 -22.10 -7.54 -11.66
C ILE B 170 -22.83 -8.84 -11.49
N ASN B 171 -24.15 -8.78 -11.31
CA ASN B 171 -24.96 -9.99 -11.37
C ASN B 171 -24.86 -10.56 -12.77
N GLU B 172 -25.00 -9.68 -13.75
CA GLU B 172 -24.95 -10.05 -15.16
C GLU B 172 -23.59 -10.66 -15.56
N ASP B 173 -22.50 -10.16 -14.97
CA ASP B 173 -21.16 -10.67 -15.23
C ASP B 173 -20.90 -12.00 -14.54
N ASN B 174 -21.39 -12.10 -13.30
CA ASN B 174 -21.34 -13.35 -12.57
C ASN B 174 -22.02 -14.44 -13.37
N LYS B 175 -23.09 -14.05 -14.08
CA LYS B 175 -23.85 -14.99 -14.90
C LYS B 175 -23.12 -15.33 -16.19
N LYS B 176 -22.50 -14.34 -16.83
CA LYS B 176 -21.69 -14.63 -18.04
C LYS B 176 -20.55 -15.59 -17.75
N ILE B 177 -19.87 -15.41 -16.61
CA ILE B 177 -18.81 -16.32 -16.18
C ILE B 177 -19.34 -17.73 -16.01
N LYS B 178 -20.50 -17.85 -15.38
CA LYS B 178 -21.11 -19.14 -15.14
C LYS B 178 -21.61 -19.71 -16.46
N LYS B 179 -21.78 -18.83 -17.45
CA LYS B 179 -22.27 -19.25 -18.76
C LYS B 179 -21.13 -19.73 -19.67
N LEU B 180 -20.12 -18.88 -19.85
CA LEU B 180 -19.07 -19.13 -20.84
C LEU B 180 -17.88 -19.95 -20.30
N LEU B 181 -17.59 -19.82 -19.01
CA LEU B 181 -16.33 -20.31 -18.45
C LEU B 181 -16.47 -21.38 -17.35
N SER B 182 -17.55 -22.14 -17.36
CA SER B 182 -17.78 -23.14 -16.31
C SER B 182 -16.80 -24.31 -16.46
N ARG B 183 -16.21 -24.42 -17.64
CA ARG B 183 -15.24 -25.46 -17.99
C ARG B 183 -13.86 -25.15 -17.45
N GLU B 184 -13.46 -23.92 -17.69
CA GLU B 184 -12.10 -23.46 -17.50
C GLU B 184 -11.82 -23.08 -16.05
N LEU B 185 -12.86 -23.10 -15.22
CA LEU B 185 -12.72 -22.89 -13.80
C LEU B 185 -13.83 -23.69 -13.09
N LYS B 186 -13.78 -25.03 -13.13
CA LYS B 186 -14.85 -25.78 -12.50
C LYS B 186 -14.62 -25.95 -10.99
N GLY B 187 -13.42 -26.37 -10.61
CA GLY B 187 -13.10 -26.71 -9.22
C GLY B 187 -12.93 -25.55 -8.26
N PRO B 188 -11.92 -25.64 -7.38
CA PRO B 188 -11.63 -24.63 -6.35
C PRO B 188 -11.50 -23.22 -6.93
N GLN B 189 -11.29 -23.12 -8.24
CA GLN B 189 -11.12 -21.85 -8.94
C GLN B 189 -12.43 -21.04 -8.96
N MET B 190 -13.53 -21.72 -9.29
CA MET B 190 -14.83 -21.08 -9.38
C MET B 190 -15.31 -20.60 -8.00
N LYS B 191 -14.76 -21.14 -6.93
CA LYS B 191 -15.27 -20.83 -5.60
C LYS B 191 -14.86 -19.43 -5.17
N LYS B 192 -13.59 -19.03 -5.33
CA LYS B 192 -13.25 -17.66 -4.95
C LYS B 192 -13.44 -16.70 -6.11
N VAL B 193 -13.87 -17.22 -7.25
CA VAL B 193 -14.58 -16.39 -8.19
C VAL B 193 -15.83 -15.92 -7.44
N ASP B 194 -16.50 -16.88 -6.80
CA ASP B 194 -17.71 -16.60 -6.04
C ASP B 194 -17.42 -15.95 -4.68
N ASP B 195 -16.26 -16.22 -4.08
CA ASP B 195 -15.86 -15.51 -2.85
C ASP B 195 -15.73 -14.03 -3.16
N PHE B 196 -15.14 -13.74 -4.32
CA PHE B 196 -14.95 -12.37 -4.77
C PHE B 196 -16.29 -11.66 -4.99
N TYR B 197 -17.24 -12.32 -5.63
CA TYR B 197 -18.53 -11.71 -5.89
C TYR B 197 -19.37 -11.53 -4.61
N ARG B 198 -19.29 -12.48 -3.68
CA ARG B 198 -19.99 -12.32 -2.40
C ARG B 198 -19.38 -11.19 -1.56
N ASP B 199 -18.05 -11.14 -1.50
CA ASP B 199 -17.34 -10.03 -0.84
C ASP B 199 -17.77 -8.67 -1.38
N ILE B 200 -17.91 -8.58 -2.71
CA ILE B 200 -18.35 -7.35 -3.36
C ILE B 200 -19.80 -7.00 -2.99
N LEU B 201 -20.65 -8.01 -2.94
CA LEU B 201 -22.08 -7.81 -2.76
C LEU B 201 -22.49 -7.57 -1.31
N GLU B 202 -21.74 -8.12 -0.37
CA GLU B 202 -22.02 -7.90 1.05
C GLU B 202 -21.37 -6.60 1.54
N ASN B 203 -20.71 -5.90 0.64
CA ASN B 203 -20.02 -4.66 0.97
C ASN B 203 -20.76 -3.42 0.44
N GLU B 204 -21.49 -2.76 1.34
CA GLU B 204 -22.33 -1.60 1.02
C GLU B 204 -21.58 -0.44 0.36
N ILE B 205 -20.24 -0.45 0.45
CA ILE B 205 -19.46 0.69 0.02
C ILE B 205 -19.59 0.89 -1.50
N TYR B 206 -19.84 -0.20 -2.23
CA TYR B 206 -19.88 -0.13 -3.70
C TYR B 206 -21.22 0.33 -4.24
N PHE B 207 -22.22 0.40 -3.36
CA PHE B 207 -23.60 0.61 -3.74
C PHE B 207 -24.23 1.79 -2.98
N LYS B 208 -23.66 2.14 -1.83
CA LYS B 208 -24.26 3.15 -0.98
C LYS B 208 -23.56 4.49 -1.17
N TYR B 209 -23.82 5.13 -2.32
CA TYR B 209 -23.25 6.44 -2.63
C TYR B 209 -24.38 7.38 -3.03
N TYR B 210 -24.10 8.67 -3.02
CA TYR B 210 -25.03 9.64 -3.58
C TYR B 210 -24.73 9.73 -5.05
N PRO B 211 -25.62 9.19 -5.90
CA PRO B 211 -25.36 9.13 -7.34
C PRO B 211 -25.41 10.52 -7.98
N CYS B 212 -24.57 10.73 -8.99
N CYS B 212 -24.65 10.71 -9.05
CA CYS B 212 -24.48 12.01 -9.68
CA CYS B 212 -24.66 11.98 -9.74
C CYS B 212 -24.16 11.77 -11.15
C CYS B 212 -24.21 11.77 -11.17
N LEU B 213 -24.32 12.81 -11.97
CA LEU B 213 -23.79 12.75 -13.32
C LEU B 213 -22.26 12.70 -13.22
N ILE B 214 -21.67 11.65 -13.80
CA ILE B 214 -20.23 11.52 -13.90
C ILE B 214 -19.79 11.37 -15.35
N HIS B 215 -18.54 11.73 -15.59
CA HIS B 215 -17.90 11.56 -16.89
C HIS B 215 -17.77 10.06 -17.20
N ASN B 216 -17.24 9.33 -16.22
CA ASN B 216 -17.17 7.87 -16.25
C ASN B 216 -16.07 7.34 -17.19
N ASP B 217 -15.30 8.23 -17.81
CA ASP B 217 -14.15 7.77 -18.61
C ASP B 217 -13.07 8.82 -18.48
N PHE B 218 -12.91 9.27 -17.24
CA PHE B 218 -12.19 10.50 -16.96
C PHE B 218 -10.68 10.18 -16.83
N SER B 219 -9.98 10.28 -17.96
CA SER B 219 -8.58 9.87 -18.02
C SER B 219 -7.75 10.90 -18.77
N SER B 220 -6.43 10.83 -18.61
CA SER B 220 -5.52 11.82 -19.18
C SER B 220 -5.72 12.03 -20.68
N ASP B 221 -6.20 11.02 -21.40
CA ASP B 221 -6.32 11.12 -22.85
C ASP B 221 -7.53 11.98 -23.25
N HIS B 222 -8.36 12.33 -22.27
CA HIS B 222 -9.55 13.15 -22.52
C HIS B 222 -9.43 14.50 -21.89
N ILE B 223 -8.30 14.75 -21.23
CA ILE B 223 -8.07 16.04 -20.60
C ILE B 223 -7.12 16.86 -21.48
N LEU B 224 -7.68 17.81 -22.22
CA LEU B 224 -6.87 18.52 -23.21
C LEU B 224 -6.17 19.76 -22.60
N PHE B 225 -5.01 20.08 -23.13
CA PHE B 225 -4.14 20.99 -22.42
C PHE B 225 -3.55 21.97 -23.39
N ASP B 226 -3.37 23.19 -22.91
CA ASP B 226 -2.86 24.29 -23.72
C ASP B 226 -1.44 24.63 -23.23
N THR B 227 -0.42 24.31 -24.04
CA THR B 227 0.97 24.47 -23.59
C THR B 227 1.48 25.91 -23.66
N GLU B 228 0.71 26.81 -24.24
CA GLU B 228 1.05 28.24 -24.20
C GLU B 228 0.63 28.84 -22.85
N LYS B 229 -0.57 28.47 -22.40
CA LYS B 229 -1.09 28.90 -21.11
C LYS B 229 -0.56 28.04 -19.97
N ASN B 230 -0.15 26.82 -20.29
CA ASN B 230 0.15 25.78 -19.28
C ASN B 230 -1.02 25.55 -18.32
N THR B 231 -2.22 25.52 -18.88
CA THR B 231 -3.41 25.17 -18.13
C THR B 231 -4.29 24.24 -18.98
N ILE B 232 -5.11 23.46 -18.29
CA ILE B 232 -6.12 22.61 -18.89
C ILE B 232 -7.14 23.44 -19.67
N CYS B 233 -7.43 23.04 -20.90
CA CYS B 233 -8.34 23.84 -21.72
C CYS B 233 -9.53 23.07 -22.27
N GLY B 234 -9.83 21.90 -21.72
CA GLY B 234 -10.94 21.14 -22.25
C GLY B 234 -11.04 19.70 -21.77
N ILE B 235 -12.29 19.20 -21.70
CA ILE B 235 -12.60 17.80 -21.42
C ILE B 235 -13.44 17.22 -22.57
N ILE B 236 -13.05 16.06 -23.09
CA ILE B 236 -13.79 15.47 -24.21
C ILE B 236 -14.28 14.05 -23.89
N ASP B 237 -15.11 13.50 -24.78
CA ASP B 237 -15.61 12.10 -24.70
C ASP B 237 -16.58 11.85 -23.55
N PHE B 238 -17.87 12.01 -23.81
CA PHE B 238 -18.90 11.79 -22.78
C PHE B 238 -19.74 10.59 -23.16
N GLY B 239 -19.22 9.79 -24.09
CA GLY B 239 -19.88 8.59 -24.56
C GLY B 239 -20.20 7.56 -23.48
N ASP B 240 -19.47 7.60 -22.36
CA ASP B 240 -19.68 6.65 -21.25
C ASP B 240 -20.37 7.32 -20.06
N ALA B 241 -20.56 8.63 -20.17
CA ALA B 241 -21.08 9.41 -19.07
C ALA B 241 -22.43 8.89 -18.60
N ALA B 242 -22.69 9.00 -17.30
CA ALA B 242 -23.90 8.42 -16.73
C ALA B 242 -24.15 8.87 -15.32
N ILE B 243 -25.28 8.46 -14.77
CA ILE B 243 -25.57 8.72 -13.38
C ILE B 243 -25.03 7.55 -12.56
N SER B 244 -24.00 7.82 -11.76
CA SER B 244 -23.32 6.75 -11.05
C SER B 244 -22.58 7.32 -9.84
N ASP B 245 -21.55 6.60 -9.41
CA ASP B 245 -20.77 6.94 -8.23
C ASP B 245 -19.66 7.92 -8.60
N PRO B 246 -19.68 9.14 -8.04
CA PRO B 246 -18.66 10.16 -8.40
C PRO B 246 -17.21 9.74 -8.11
N ASP B 247 -17.00 8.74 -7.24
CA ASP B 247 -15.68 8.27 -6.95
C ASP B 247 -15.00 7.68 -8.20
N ASN B 248 -15.81 7.20 -9.15
CA ASN B 248 -15.24 6.58 -10.34
C ASN B 248 -14.41 7.55 -11.19
N ASP B 249 -14.69 8.85 -11.08
CA ASP B 249 -13.99 9.83 -11.90
C ASP B 249 -12.59 10.15 -11.34
N PHE B 250 -12.32 9.68 -10.12
CA PHE B 250 -10.99 9.75 -9.48
C PHE B 250 -10.22 8.45 -9.73
N ILE B 251 -10.90 7.32 -9.57
CA ILE B 251 -10.30 6.00 -9.78
C ILE B 251 -9.66 5.92 -11.17
N SER B 252 -10.33 6.50 -12.16
CA SER B 252 -9.89 6.39 -13.54
C SER B 252 -8.61 7.17 -13.82
N LEU B 253 -8.19 8.00 -12.86
CA LEU B 253 -6.98 8.81 -12.98
C LEU B 253 -5.79 8.25 -12.16
N MET B 254 -6.04 7.20 -11.37
CA MET B 254 -5.12 6.82 -10.30
C MET B 254 -3.96 5.89 -10.65
N GLU B 255 -4.07 5.08 -11.69
CA GLU B 255 -3.02 4.08 -11.86
C GLU B 255 -1.66 4.68 -12.34
N ASP B 256 -0.57 4.06 -11.91
CA ASP B 256 0.78 4.55 -12.22
C ASP B 256 1.14 4.34 -13.70
N ASP B 257 1.81 5.35 -14.27
CA ASP B 257 2.36 5.35 -15.63
C ASP B 257 1.31 5.51 -16.71
N GLU B 258 0.31 4.62 -16.73
CA GLU B 258 -0.81 4.77 -17.63
C GLU B 258 -1.59 6.05 -17.31
N GLU B 259 -1.69 6.36 -16.02
CA GLU B 259 -2.40 7.58 -15.62
C GLU B 259 -1.56 8.41 -14.64
N TYR B 260 -2.19 9.20 -13.78
CA TYR B 260 -1.45 10.24 -13.04
C TYR B 260 -0.80 9.80 -11.72
N GLY B 261 -1.23 8.68 -11.16
CA GLY B 261 -0.67 8.27 -9.88
C GLY B 261 -1.43 8.79 -8.66
N MET B 262 -1.23 8.14 -7.54
CA MET B 262 -1.99 8.44 -6.34
C MET B 262 -1.75 9.85 -5.79
N GLU B 263 -0.50 10.26 -5.67
CA GLU B 263 -0.14 11.52 -5.03
C GLU B 263 -0.77 12.73 -5.72
N PHE B 264 -0.80 12.70 -7.04
CA PHE B 264 -1.39 13.79 -7.78
C PHE B 264 -2.92 13.74 -7.66
N VAL B 265 -3.50 12.55 -7.64
CA VAL B 265 -4.96 12.44 -7.53
C VAL B 265 -5.40 12.88 -6.12
N SER B 266 -4.53 12.72 -5.13
CA SER B 266 -4.81 13.21 -3.78
C SER B 266 -4.94 14.73 -3.74
N LYS B 267 -4.13 15.41 -4.55
CA LYS B 267 -4.25 16.85 -4.64
C LYS B 267 -5.63 17.22 -5.17
N ILE B 268 -6.08 16.49 -6.21
CA ILE B 268 -7.40 16.71 -6.77
C ILE B 268 -8.47 16.52 -5.68
N LEU B 269 -8.38 15.40 -4.98
CA LEU B 269 -9.31 15.02 -3.93
C LEU B 269 -9.41 16.06 -2.81
N ASN B 270 -8.29 16.66 -2.43
CA ASN B 270 -8.32 17.65 -1.37
C ASN B 270 -8.93 18.96 -1.84
N HIS B 271 -8.60 19.38 -3.06
CA HIS B 271 -9.20 20.61 -3.63
C HIS B 271 -10.70 20.42 -3.84
N TYR B 272 -11.10 19.18 -4.07
CA TYR B 272 -12.51 18.80 -4.27
C TYR B 272 -13.23 18.71 -2.90
N LYS B 273 -12.41 18.63 -1.85
CA LYS B 273 -12.84 18.52 -0.44
C LYS B 273 -13.44 17.15 -0.14
N HIS B 274 -12.94 16.11 -0.81
CA HIS B 274 -13.40 14.75 -0.58
C HIS B 274 -13.14 14.39 0.88
N LYS B 275 -14.10 13.72 1.51
CA LYS B 275 -14.03 13.46 2.95
C LYS B 275 -13.69 12.00 3.28
N ASP B 276 -13.48 11.18 2.25
CA ASP B 276 -13.20 9.75 2.46
C ASP B 276 -12.26 9.18 1.39
N ILE B 277 -11.00 9.60 1.47
CA ILE B 277 -10.01 9.17 0.51
C ILE B 277 -9.74 7.66 0.55
N PRO B 278 -9.69 7.04 1.76
CA PRO B 278 -9.46 5.59 1.76
C PRO B 278 -10.55 4.77 1.06
N THR B 279 -11.78 5.27 1.01
CA THR B 279 -12.83 4.51 0.35
C THR B 279 -12.61 4.54 -1.16
N VAL B 280 -12.28 5.71 -1.67
CA VAL B 280 -11.86 5.87 -3.06
C VAL B 280 -10.74 4.88 -3.42
N LEU B 281 -9.74 4.76 -2.56
CA LEU B 281 -8.67 3.81 -2.82
C LEU B 281 -9.17 2.36 -2.79
N GLU B 282 -10.04 2.03 -1.83
CA GLU B 282 -10.60 0.68 -1.76
C GLU B 282 -11.45 0.36 -3.00
N LYS B 283 -12.19 1.34 -3.50
CA LYS B 283 -12.93 1.15 -4.74
C LYS B 283 -11.96 0.95 -5.92
N TYR B 284 -10.81 1.60 -5.88
CA TYR B 284 -9.80 1.42 -6.92
C TYR B 284 -9.27 -0.01 -6.98
N ARG B 285 -8.94 -0.58 -5.82
CA ARG B 285 -8.39 -1.94 -5.76
C ARG B 285 -9.39 -2.95 -6.27
N MET B 286 -10.67 -2.74 -5.93
CA MET B 286 -11.69 -3.69 -6.32
C MET B 286 -11.80 -3.71 -7.84
N LYS B 287 -11.92 -2.52 -8.43
CA LYS B 287 -11.95 -2.38 -9.89
C LYS B 287 -10.66 -2.91 -10.56
N GLU B 288 -9.51 -2.69 -9.92
CA GLU B 288 -8.24 -3.18 -10.47
C GLU B 288 -8.23 -4.70 -10.51
N LYS B 289 -8.75 -5.31 -9.44
CA LYS B 289 -8.89 -6.75 -9.35
C LYS B 289 -10.06 -7.24 -10.23
N TYR B 290 -11.14 -6.46 -10.29
CA TYR B 290 -12.29 -6.84 -11.11
C TYR B 290 -11.97 -6.82 -12.60
N TRP B 291 -10.95 -6.05 -12.94
CA TRP B 291 -10.53 -5.93 -14.33
C TRP B 291 -10.14 -7.28 -14.90
N SER B 292 -9.50 -8.12 -14.08
CA SER B 292 -9.14 -9.49 -14.45
C SER B 292 -10.35 -10.23 -15.01
N PHE B 293 -11.49 -10.02 -14.35
CA PHE B 293 -12.71 -10.73 -14.70
C PHE B 293 -13.33 -10.12 -15.93
N GLU B 294 -13.16 -8.82 -16.08
CA GLU B 294 -13.72 -8.12 -17.21
C GLU B 294 -13.07 -8.59 -18.50
N LYS B 295 -11.77 -8.84 -18.44
CA LYS B 295 -10.99 -9.32 -19.57
C LYS B 295 -11.46 -10.68 -20.04
N ILE B 296 -11.57 -11.63 -19.11
CA ILE B 296 -11.85 -13.01 -19.47
C ILE B 296 -13.29 -13.19 -19.98
N ILE B 297 -14.21 -12.38 -19.47
CA ILE B 297 -15.57 -12.36 -20.00
C ILE B 297 -15.52 -11.88 -21.45
N TYR B 298 -14.74 -10.84 -21.68
CA TYR B 298 -14.56 -10.28 -22.99
C TYR B 298 -13.69 -11.18 -23.87
N GLY B 299 -12.98 -12.11 -23.23
CA GLY B 299 -12.04 -12.95 -23.95
C GLY B 299 -12.73 -14.17 -24.51
N LYS B 300 -13.68 -14.71 -23.75
CA LYS B 300 -14.38 -15.90 -24.20
C LYS B 300 -15.46 -15.55 -25.22
N GLU B 301 -16.27 -14.56 -24.87
CA GLU B 301 -17.24 -13.98 -25.80
C GLU B 301 -16.50 -12.91 -26.61
N TYR B 302 -16.69 -12.94 -27.93
CA TYR B 302 -15.93 -12.17 -28.93
C TYR B 302 -14.65 -12.90 -29.33
N GLY B 303 -14.25 -13.87 -28.51
CA GLY B 303 -13.13 -14.74 -28.84
C GLY B 303 -11.83 -14.01 -29.09
N TYR B 304 -11.61 -12.93 -28.36
CA TYR B 304 -10.33 -12.27 -28.48
C TYR B 304 -9.33 -12.90 -27.52
N MET B 305 -8.48 -13.74 -28.10
CA MET B 305 -7.36 -14.38 -27.40
C MET B 305 -6.34 -13.31 -27.01
N ASP B 306 -6.17 -13.11 -25.70
CA ASP B 306 -5.15 -12.23 -25.09
C ASP B 306 -5.71 -11.86 -23.73
N TRP B 307 -6.86 -11.19 -23.73
CA TRP B 307 -7.60 -10.89 -22.51
C TRP B 307 -8.11 -12.17 -21.84
N TYR B 308 -8.55 -13.11 -22.67
CA TYR B 308 -8.97 -14.43 -22.21
C TYR B 308 -7.85 -15.15 -21.45
N GLU B 309 -6.65 -15.19 -22.04
CA GLU B 309 -5.49 -15.82 -21.39
C GLU B 309 -5.02 -15.05 -20.18
N GLU B 310 -5.00 -13.72 -20.28
CA GLU B 310 -4.65 -12.89 -19.15
C GLU B 310 -5.67 -13.12 -18.04
N GLY B 311 -6.94 -13.03 -18.41
CA GLY B 311 -8.03 -13.18 -17.47
C GLY B 311 -7.95 -14.49 -16.73
N LEU B 312 -7.73 -15.57 -17.48
CA LEU B 312 -7.71 -16.91 -16.90
C LEU B 312 -6.55 -17.12 -15.94
N ASN B 313 -5.36 -16.66 -16.31
CA ASN B 313 -4.18 -16.80 -15.46
C ASN B 313 -4.27 -15.96 -14.20
N GLU B 314 -4.65 -14.69 -14.35
CA GLU B 314 -4.77 -13.77 -13.23
C GLU B 314 -5.70 -14.30 -12.15
N ILE B 315 -6.85 -14.82 -12.57
CA ILE B 315 -7.83 -15.35 -11.63
C ILE B 315 -7.29 -16.54 -10.85
N ARG B 316 -6.53 -17.40 -11.53
CA ARG B 316 -5.78 -18.48 -10.86
C ARG B 316 -4.64 -17.91 -10.02
N SER B 317 -4.98 -17.30 -8.89
CA SER B 317 -4.01 -16.72 -7.96
C SER B 317 -4.61 -16.52 -6.57
#